data_6U0I
#
_entry.id   6U0I
#
_cell.length_a   61.045
_cell.length_b   86.476
_cell.length_c   122.888
_cell.angle_alpha   90.000
_cell.angle_beta   96.100
_cell.angle_gamma   90.000
#
_symmetry.space_group_name_H-M   'C 1 2 1'
#
loop_
_entity.id
_entity.type
_entity.pdbx_description
1 polymer 'Antitoxin HicB'
2 non-polymer 'CHLORIDE ION'
3 water water
#
_entity_poly.entity_id   1
_entity_poly.type   'polypeptide(L)'
_entity_poly.pdbx_seq_one_letter_code
;SNA(MSE)RETVEI(MSE)RYPVTLTPAPEGGY(MSE)VSFVDIPEALTQGETVAEA(MSE)EAAKDALLTAFDFYFEDN
ELIPLPSPLNSHDHFIEVPLSVASKVLLLNAFLQSEITQQELARRIGKPKQEITRLFNLHHATKIDAVQLAAKALGKELS
LV(MSE)V
;
_entity_poly.pdbx_strand_id   A,B,C,D
#
# COMPACT_ATOMS: atom_id res chain seq x y z
N VAL A 8 -11.74 -0.07 25.25
CA VAL A 8 -10.35 -0.41 24.73
C VAL A 8 -9.40 -0.61 25.92
N GLU A 9 -8.81 -1.81 26.06
CA GLU A 9 -8.23 -2.28 27.36
C GLU A 9 -6.85 -2.93 27.19
N ILE A 10 -6.26 -3.27 28.34
CA ILE A 10 -4.99 -4.04 28.46
C ILE A 10 -5.31 -5.50 28.14
N ARG A 12 -5.34 -8.77 28.96
CA ARG A 12 -5.39 -9.58 30.20
C ARG A 12 -6.42 -10.72 30.00
N TYR A 13 -5.92 -11.94 29.89
CA TYR A 13 -6.75 -13.16 29.86
C TYR A 13 -7.18 -13.58 31.27
N PRO A 14 -8.51 -13.63 31.52
CA PRO A 14 -9.04 -14.12 32.77
C PRO A 14 -8.65 -15.60 32.88
N VAL A 15 -8.18 -15.99 34.05
CA VAL A 15 -7.90 -17.42 34.40
C VAL A 15 -8.58 -17.74 35.73
N THR A 16 -8.89 -19.02 35.97
CA THR A 16 -9.24 -19.54 37.31
C THR A 16 -8.09 -20.42 37.83
N LEU A 17 -7.85 -20.38 39.13
CA LEU A 17 -6.79 -21.20 39.75
C LEU A 17 -7.46 -22.11 40.78
N THR A 18 -7.21 -23.40 40.67
CA THR A 18 -7.83 -24.45 41.55
C THR A 18 -6.79 -25.51 41.91
N PRO A 19 -7.02 -26.28 42.99
CA PRO A 19 -6.23 -27.48 43.24
C PRO A 19 -6.26 -28.43 42.02
N ALA A 20 -5.10 -28.88 41.56
CA ALA A 20 -4.98 -29.89 40.48
C ALA A 20 -5.21 -31.28 41.07
N PRO A 21 -6.07 -32.13 40.46
CA PRO A 21 -6.36 -33.47 41.01
C PRO A 21 -5.07 -34.26 41.22
N GLU A 22 -4.08 -34.20 40.33
CA GLU A 22 -2.85 -35.05 40.45
C GLU A 22 -1.74 -34.27 41.17
N GLY A 23 -2.07 -33.17 41.84
CA GLY A 23 -1.12 -32.46 42.73
C GLY A 23 -0.82 -31.07 42.22
N GLY A 24 -0.58 -30.15 43.13
CA GLY A 24 -0.26 -28.76 42.78
C GLY A 24 -1.54 -28.04 42.38
N TYR A 25 -1.43 -27.11 41.45
CA TYR A 25 -2.49 -26.13 41.15
C TYR A 25 -2.60 -26.05 39.63
N VAL A 27 -4.34 -23.91 36.31
CA VAL A 27 -4.75 -22.58 35.78
C VAL A 27 -5.52 -22.80 34.49
N SER A 28 -6.77 -22.40 34.46
CA SER A 28 -7.68 -22.56 33.30
C SER A 28 -7.95 -21.19 32.71
N PHE A 29 -7.91 -21.08 31.38
CA PHE A 29 -8.25 -19.85 30.66
C PHE A 29 -9.66 -20.01 30.08
N VAL A 30 -10.59 -19.12 30.48
CA VAL A 30 -11.93 -18.96 29.82
C VAL A 30 -11.80 -19.09 28.29
N ASP A 31 -10.77 -18.48 27.67
CA ASP A 31 -10.73 -18.16 26.22
C ASP A 31 -9.79 -19.10 25.47
N ILE A 32 -8.91 -19.78 26.18
CA ILE A 32 -7.81 -20.55 25.51
C ILE A 32 -7.80 -21.97 26.06
N PRO A 33 -8.56 -22.94 25.47
CA PRO A 33 -8.54 -24.34 25.97
C PRO A 33 -7.10 -24.88 26.04
N GLU A 34 -6.24 -24.56 25.09
CA GLU A 34 -4.91 -25.25 25.03
C GLU A 34 -3.93 -24.64 26.04
N ALA A 35 -4.31 -23.59 26.79
CA ALA A 35 -3.34 -22.95 27.69
C ALA A 35 -3.49 -23.54 29.08
N LEU A 36 -4.49 -24.41 29.30
CA LEU A 36 -4.64 -25.21 30.53
C LEU A 36 -3.25 -25.67 31.02
N THR A 37 -2.95 -25.43 32.30
CA THR A 37 -1.62 -25.75 32.83
C THR A 37 -1.72 -26.01 34.35
N GLN A 38 -0.60 -26.51 34.87
CA GLN A 38 -0.44 -26.96 36.26
C GLN A 38 0.94 -26.48 36.72
N GLY A 39 1.08 -26.27 38.04
CA GLY A 39 2.39 -26.19 38.68
C GLY A 39 2.30 -26.68 40.10
N GLU A 40 3.47 -27.00 40.68
CA GLU A 40 3.58 -27.60 42.03
C GLU A 40 3.14 -26.55 43.05
N THR A 41 3.48 -25.30 42.81
CA THR A 41 3.14 -24.17 43.71
C THR A 41 2.25 -23.21 42.94
N VAL A 42 1.51 -22.38 43.68
CA VAL A 42 0.67 -21.33 43.03
C VAL A 42 1.55 -20.47 42.11
N ALA A 43 2.74 -20.11 42.57
CA ALA A 43 3.69 -19.27 41.80
C ALA A 43 4.10 -20.01 40.53
N GLU A 44 4.43 -21.29 40.62
CA GLU A 44 4.89 -22.03 39.42
C GLU A 44 3.72 -22.19 38.43
N ALA A 45 2.48 -22.38 38.91
CA ALA A 45 1.29 -22.56 38.04
C ALA A 45 1.02 -21.24 37.29
N GLU A 47 3.23 -18.85 36.58
CA GLU A 47 4.31 -18.68 35.59
C GLU A 47 4.17 -19.69 34.46
N ALA A 48 3.78 -20.94 34.73
CA ALA A 48 3.47 -21.92 33.67
C ALA A 48 2.33 -21.39 32.78
N ALA A 49 1.36 -20.67 33.34
CA ALA A 49 0.19 -20.17 32.58
C ALA A 49 0.67 -19.11 31.57
N LYS A 50 1.68 -18.30 31.93
CA LYS A 50 2.26 -17.28 31.04
C LYS A 50 2.91 -17.97 29.84
N ASP A 51 3.72 -19.00 30.10
CA ASP A 51 4.41 -19.81 29.05
C ASP A 51 3.37 -20.53 28.19
N ALA A 52 2.41 -21.22 28.81
CA ALA A 52 1.43 -22.05 28.08
C ALA A 52 0.60 -21.12 27.17
N LEU A 53 0.28 -19.90 27.60
CA LEU A 53 -0.46 -18.92 26.76
C LEU A 53 0.30 -18.68 25.44
N LEU A 54 1.58 -18.34 25.50
CA LEU A 54 2.40 -18.19 24.27
C LEU A 54 2.34 -19.43 23.39
N THR A 55 2.53 -20.62 23.97
CA THR A 55 2.57 -21.87 23.22
C THR A 55 1.19 -22.05 22.57
N ALA A 56 0.10 -21.71 23.27
CA ALA A 56 -1.24 -21.83 22.67
C ALA A 56 -1.34 -20.86 21.47
N PHE A 57 -0.80 -19.63 21.57
CA PHE A 57 -0.88 -18.63 20.48
C PHE A 57 -0.24 -19.20 19.21
N ASP A 58 0.91 -19.84 19.33
CA ASP A 58 1.69 -20.48 18.24
C ASP A 58 0.82 -21.55 17.58
N PHE A 59 0.07 -22.31 18.37
CA PHE A 59 -0.78 -23.40 17.85
CA PHE A 59 -0.80 -23.40 17.85
C PHE A 59 -1.84 -22.79 16.91
N TYR A 60 -2.55 -21.73 17.36
CA TYR A 60 -3.59 -21.07 16.54
C TYR A 60 -3.00 -20.61 15.19
N PHE A 61 -1.91 -19.82 15.23
CA PHE A 61 -1.16 -19.37 14.05
C PHE A 61 -0.80 -20.57 13.13
N GLU A 62 -0.06 -21.57 13.63
CA GLU A 62 0.34 -22.79 12.88
C GLU A 62 -0.90 -23.46 12.25
N ASP A 63 -2.05 -23.37 12.90
CA ASP A 63 -3.30 -23.96 12.40
C ASP A 63 -4.12 -23.01 11.49
N ASN A 64 -3.56 -21.86 11.10
CA ASN A 64 -4.28 -20.89 10.24
C ASN A 64 -5.62 -20.54 10.90
N GLU A 65 -5.62 -20.25 12.20
CA GLU A 65 -6.82 -19.78 12.94
C GLU A 65 -6.47 -18.50 13.70
N LEU A 66 -7.47 -17.68 13.92
CA LEU A 66 -7.35 -16.43 14.68
C LEU A 66 -6.97 -16.79 16.13
N ILE A 67 -6.06 -16.05 16.72
CA ILE A 67 -5.82 -16.13 18.19
C ILE A 67 -7.01 -15.48 18.87
N PRO A 68 -7.75 -16.16 19.77
CA PRO A 68 -8.90 -15.52 20.44
C PRO A 68 -8.39 -14.43 21.37
N LEU A 69 -9.17 -13.37 21.47
CA LEU A 69 -8.87 -12.18 22.28
C LEU A 69 -9.49 -12.39 23.65
N PRO A 70 -9.05 -11.65 24.70
CA PRO A 70 -9.56 -11.87 26.05
C PRO A 70 -11.05 -11.57 26.13
N SER A 71 -11.76 -12.32 26.98
CA SER A 71 -13.08 -11.93 27.52
C SER A 71 -12.91 -10.78 28.49
N PRO A 72 -13.96 -9.98 28.66
CA PRO A 72 -13.95 -8.89 29.62
C PRO A 72 -13.66 -9.46 31.01
N LEU A 73 -12.79 -8.81 31.77
CA LEU A 73 -12.51 -9.22 33.17
C LEU A 73 -13.69 -8.83 34.08
N ASN A 74 -13.45 -9.04 35.37
CA ASN A 74 -14.29 -8.62 36.50
C ASN A 74 -13.34 -7.97 37.50
N SER A 75 -13.83 -7.08 38.36
CA SER A 75 -13.12 -6.64 39.59
C SER A 75 -12.18 -7.75 40.06
N HIS A 76 -12.72 -8.97 40.27
CA HIS A 76 -12.12 -10.02 41.14
C HIS A 76 -11.38 -11.09 40.33
N ASP A 77 -11.37 -11.08 38.99
CA ASP A 77 -10.80 -12.20 38.19
C ASP A 77 -9.27 -12.17 38.34
N HIS A 78 -8.64 -13.33 38.55
CA HIS A 78 -7.22 -13.52 38.21
C HIS A 78 -7.11 -13.34 36.71
N PHE A 79 -5.92 -12.95 36.25
CA PHE A 79 -5.59 -12.88 34.81
C PHE A 79 -4.11 -13.09 34.53
N ILE A 80 -3.83 -13.40 33.26
CA ILE A 80 -2.48 -13.42 32.68
C ILE A 80 -2.44 -12.30 31.65
N GLU A 81 -1.54 -11.34 31.90
CA GLU A 81 -1.34 -10.10 31.14
C GLU A 81 -0.25 -10.39 30.10
N VAL A 82 -0.50 -10.02 28.85
CA VAL A 82 0.46 -10.16 27.73
C VAL A 82 1.18 -8.82 27.65
N PRO A 83 2.53 -8.74 27.64
CA PRO A 83 3.18 -7.44 27.46
C PRO A 83 2.96 -6.91 26.02
N LEU A 84 3.29 -5.65 25.76
CA LEU A 84 3.03 -4.99 24.47
C LEU A 84 3.79 -5.69 23.35
N SER A 85 5.03 -6.14 23.55
CA SER A 85 5.79 -6.82 22.46
C SER A 85 4.90 -7.95 21.90
N VAL A 86 4.38 -8.81 22.78
CA VAL A 86 3.63 -10.01 22.34
C VAL A 86 2.25 -9.57 21.84
N ALA A 87 1.60 -8.65 22.53
CA ALA A 87 0.25 -8.16 22.09
C ALA A 87 0.37 -7.64 20.64
N SER A 88 1.44 -6.90 20.30
CA SER A 88 1.63 -6.28 18.96
C SER A 88 1.67 -7.40 17.88
N LYS A 89 2.33 -8.53 18.19
CA LYS A 89 2.49 -9.67 17.26
C LYS A 89 1.17 -10.45 17.18
N VAL A 90 0.42 -10.54 18.26
CA VAL A 90 -0.90 -11.21 18.24
C VAL A 90 -1.82 -10.45 17.27
N LEU A 91 -1.86 -9.13 17.40
CA LEU A 91 -2.65 -8.25 16.55
C LEU A 91 -2.18 -8.40 15.08
N LEU A 92 -0.88 -8.44 14.85
CA LEU A 92 -0.30 -8.61 13.50
C LEU A 92 -0.67 -9.97 12.91
N LEU A 93 -0.52 -11.05 13.70
CA LEU A 93 -0.79 -12.42 13.20
C LEU A 93 -2.26 -12.55 12.81
N ASN A 94 -3.19 -12.07 13.61
CA ASN A 94 -4.61 -12.11 13.23
C ASN A 94 -4.80 -11.30 11.93
N ALA A 95 -4.19 -10.11 11.81
CA ALA A 95 -4.41 -9.22 10.64
C ALA A 95 -3.79 -9.91 9.42
N PHE A 96 -2.70 -10.63 9.61
CA PHE A 96 -2.06 -11.39 8.52
C PHE A 96 -3.00 -12.45 7.98
N LEU A 97 -3.55 -13.25 8.87
CA LEU A 97 -4.52 -14.30 8.47
C LEU A 97 -5.72 -13.64 7.77
N GLN A 98 -6.25 -12.55 8.29
CA GLN A 98 -7.45 -11.89 7.71
C GLN A 98 -7.07 -11.33 6.34
N SER A 99 -5.79 -11.01 6.08
CA SER A 99 -5.34 -10.35 4.82
C SER A 99 -5.42 -11.32 3.64
N GLU A 100 -5.35 -12.62 3.90
CA GLU A 100 -5.42 -13.66 2.85
C GLU A 100 -4.23 -13.52 1.90
N ILE A 101 -3.14 -12.83 2.26
CA ILE A 101 -1.88 -12.87 1.46
C ILE A 101 -0.90 -13.86 2.08
N THR A 102 0.03 -14.37 1.29
CA THR A 102 1.05 -15.30 1.74
C THR A 102 2.15 -14.51 2.46
N GLN A 103 2.98 -15.20 3.24
CA GLN A 103 4.20 -14.65 3.87
C GLN A 103 5.09 -14.07 2.78
N GLN A 104 5.23 -14.80 1.67
CA GLN A 104 6.06 -14.39 0.51
C GLN A 104 5.50 -13.06 0.00
N GLU A 105 4.18 -12.90 -0.11
CA GLU A 105 3.64 -11.60 -0.58
C GLU A 105 3.89 -10.52 0.47
N LEU A 106 3.78 -10.82 1.78
CA LEU A 106 4.07 -9.81 2.82
C LEU A 106 5.53 -9.40 2.69
N ALA A 107 6.44 -10.36 2.52
CA ALA A 107 7.89 -10.08 2.43
C ALA A 107 8.20 -9.16 1.24
N ARG A 108 7.54 -9.35 0.09
CA ARG A 108 7.67 -8.48 -1.12
C ARG A 108 7.11 -7.08 -0.80
N ARG A 109 5.97 -6.96 -0.13
CA ARG A 109 5.42 -5.62 0.20
C ARG A 109 6.42 -4.87 1.09
N ILE A 110 7.06 -5.48 2.08
CA ILE A 110 7.93 -4.68 2.99
C ILE A 110 9.37 -4.68 2.50
N GLY A 111 9.69 -5.39 1.41
CA GLY A 111 11.05 -5.36 0.82
C GLY A 111 12.05 -6.14 1.67
N LYS A 112 11.64 -7.27 2.22
CA LYS A 112 12.54 -8.06 3.09
C LYS A 112 12.59 -9.50 2.55
N PRO A 113 13.72 -10.22 2.75
CA PRO A 113 13.74 -11.68 2.57
C PRO A 113 12.64 -12.38 3.40
N LYS A 114 12.14 -13.49 2.91
CA LYS A 114 11.06 -14.27 3.56
C LYS A 114 11.45 -14.62 5.01
N GLN A 115 12.69 -15.03 5.23
CA GLN A 115 13.23 -15.40 6.56
C GLN A 115 12.93 -14.31 7.61
N GLU A 116 12.87 -13.03 7.24
CA GLU A 116 12.62 -11.90 8.19
C GLU A 116 11.14 -11.92 8.60
N ILE A 117 10.26 -12.39 7.72
CA ILE A 117 8.81 -12.58 8.05
C ILE A 117 8.67 -13.71 9.06
N THR A 118 9.39 -14.81 8.85
CA THR A 118 9.34 -16.00 9.75
C THR A 118 9.64 -15.53 11.18
N ARG A 119 10.67 -14.70 11.34
CA ARG A 119 11.07 -14.22 12.68
C ARG A 119 10.07 -13.19 13.18
N LEU A 120 9.52 -12.34 12.30
CA LEU A 120 8.51 -11.32 12.65
C LEU A 120 7.31 -12.01 13.29
N PHE A 121 6.95 -13.17 12.76
CA PHE A 121 5.72 -13.92 13.18
C PHE A 121 6.03 -14.87 14.33
N ASN A 122 7.27 -14.95 14.77
CA ASN A 122 7.65 -15.81 15.92
C ASN A 122 7.39 -15.07 17.23
N LEU A 123 6.46 -15.57 18.01
CA LEU A 123 6.04 -14.90 19.26
C LEU A 123 7.15 -14.95 20.31
N HIS A 124 8.19 -15.74 20.08
CA HIS A 124 9.31 -15.86 21.05
C HIS A 124 10.46 -14.95 20.63
N HIS A 125 10.39 -14.34 19.43
CA HIS A 125 11.45 -13.47 18.88
C HIS A 125 11.07 -12.03 19.23
N ALA A 126 12.03 -11.29 19.74
CA ALA A 126 11.93 -9.83 19.88
C ALA A 126 11.85 -9.22 18.47
N THR A 127 10.85 -8.33 18.25
CA THR A 127 10.72 -7.47 17.04
C THR A 127 10.37 -6.04 17.45
N LYS A 128 11.17 -5.06 17.00
CA LYS A 128 10.92 -3.59 17.17
C LYS A 128 9.45 -3.25 16.85
N ILE A 129 8.80 -2.43 17.67
CA ILE A 129 7.38 -2.08 17.45
C ILE A 129 7.24 -1.40 16.07
N ASP A 130 8.24 -0.61 15.62
CA ASP A 130 8.20 0.10 14.31
C ASP A 130 8.20 -0.89 13.13
N ALA A 131 8.90 -2.04 13.24
CA ALA A 131 8.86 -3.12 12.21
C ALA A 131 7.47 -3.81 12.24
N VAL A 132 6.87 -3.99 13.39
CA VAL A 132 5.49 -4.54 13.44
C VAL A 132 4.53 -3.56 12.76
N GLN A 133 4.68 -2.25 12.98
CA GLN A 133 3.80 -1.20 12.41
C GLN A 133 3.97 -1.17 10.89
N LEU A 134 5.22 -1.22 10.39
CA LEU A 134 5.47 -1.30 8.94
C LEU A 134 4.78 -2.53 8.34
N ALA A 135 4.86 -3.68 9.01
CA ALA A 135 4.19 -4.92 8.55
C ALA A 135 2.69 -4.71 8.57
N ALA A 136 2.12 -4.14 9.64
CA ALA A 136 0.66 -3.92 9.72
C ALA A 136 0.24 -3.00 8.56
N LYS A 137 1.02 -1.99 8.24
CA LYS A 137 0.68 -1.04 7.15
C LYS A 137 0.62 -1.80 5.81
N ALA A 138 1.60 -2.67 5.51
CA ALA A 138 1.68 -3.52 4.29
C ALA A 138 0.42 -4.42 4.16
N LEU A 139 -0.30 -4.67 5.25
CA LEU A 139 -1.61 -5.35 5.25
C LEU A 139 -2.79 -4.37 5.26
N GLY A 140 -2.57 -3.07 5.12
CA GLY A 140 -3.68 -2.09 5.09
C GLY A 140 -4.27 -1.78 6.47
N LYS A 141 -3.52 -2.03 7.56
CA LYS A 141 -3.99 -1.84 8.94
C LYS A 141 -3.11 -0.77 9.63
N GLU A 142 -3.68 -0.10 10.62
CA GLU A 142 -3.00 0.95 11.44
C GLU A 142 -2.94 0.44 12.89
N LEU A 143 -1.72 0.26 13.41
CA LEU A 143 -1.45 0.00 14.85
C LEU A 143 -1.29 1.35 15.56
N SER A 144 -2.02 1.59 16.65
CA SER A 144 -1.83 2.84 17.42
C SER A 144 -1.77 2.60 18.95
N LEU A 145 -1.14 3.53 19.65
CA LEU A 145 -0.90 3.47 21.11
C LEU A 145 -1.89 4.38 21.79
N VAL A 146 -2.42 3.91 22.92
CA VAL A 146 -3.34 4.63 23.84
C VAL A 146 -2.75 4.59 25.26
N VAL A 148 -3.83 5.36 29.14
CA VAL A 148 -4.90 5.67 30.13
C VAL A 148 -4.31 5.58 31.56
N ILE B 10 -4.38 7.91 16.33
CA ILE B 10 -3.09 7.73 15.60
C ILE B 10 -2.33 9.08 15.51
N ARG B 12 -0.79 12.06 14.62
CA ARG B 12 -0.56 12.76 13.32
C ARG B 12 -0.57 14.26 13.58
N TYR B 13 0.57 14.94 13.39
CA TYR B 13 0.71 16.41 13.61
C TYR B 13 0.32 17.14 12.32
N PRO B 14 -0.78 17.92 12.31
CA PRO B 14 -1.14 18.67 11.10
C PRO B 14 -0.08 19.73 10.74
N VAL B 15 0.28 19.80 9.45
CA VAL B 15 1.32 20.71 8.89
C VAL B 15 0.62 21.81 8.09
N THR B 16 1.14 23.03 8.21
CA THR B 16 0.73 24.23 7.42
C THR B 16 1.83 24.53 6.43
N LEU B 17 1.47 24.58 5.15
CA LEU B 17 2.39 24.99 4.07
C LEU B 17 1.94 26.38 3.58
N THR B 18 2.87 27.33 3.56
CA THR B 18 2.61 28.74 3.14
C THR B 18 3.56 29.00 1.99
N PRO B 19 3.09 29.27 0.75
CA PRO B 19 3.98 29.56 -0.40
C PRO B 19 5.00 30.64 0.03
N ALA B 20 6.30 30.37 -0.18
CA ALA B 20 7.38 31.34 0.16
C ALA B 20 7.52 32.37 -0.97
N PRO B 21 7.64 33.67 -0.64
CA PRO B 21 7.80 34.72 -1.65
C PRO B 21 8.91 34.40 -2.68
N GLU B 22 10.03 33.83 -2.24
CA GLU B 22 11.21 33.55 -3.09
C GLU B 22 11.09 32.16 -3.78
N GLY B 23 9.93 31.49 -3.69
CA GLY B 23 9.78 30.11 -4.21
C GLY B 23 9.74 29.06 -3.09
N GLY B 24 9.01 27.98 -3.32
CA GLY B 24 8.90 26.90 -2.33
C GLY B 24 7.83 27.22 -1.30
N TYR B 25 7.91 26.50 -0.17
CA TYR B 25 6.82 26.39 0.82
C TYR B 25 7.46 26.49 2.19
N VAL B 27 7.10 25.88 6.07
CA VAL B 27 6.49 24.80 6.89
C VAL B 27 6.34 25.27 8.35
N SER B 28 5.13 25.21 8.87
CA SER B 28 4.85 25.46 10.29
C SER B 28 3.91 24.38 10.84
N PHE B 29 3.84 24.31 12.17
CA PHE B 29 2.94 23.44 12.94
C PHE B 29 2.10 24.29 13.87
N VAL B 30 0.78 24.18 13.75
CA VAL B 30 -0.13 24.86 14.70
C VAL B 30 0.20 24.40 16.14
N ASP B 31 0.54 23.13 16.38
CA ASP B 31 0.71 22.61 17.77
C ASP B 31 2.15 22.78 18.29
N ILE B 32 3.13 23.02 17.43
CA ILE B 32 4.58 22.94 17.76
C ILE B 32 5.20 24.27 17.35
N PRO B 33 5.19 25.28 18.25
CA PRO B 33 5.42 26.67 17.85
C PRO B 33 6.82 26.96 17.28
N GLU B 34 7.84 26.19 17.66
CA GLU B 34 9.24 26.44 17.22
C GLU B 34 9.60 25.66 15.95
N ALA B 35 8.80 24.70 15.52
CA ALA B 35 9.06 23.95 14.27
C ALA B 35 8.71 24.86 13.05
N LEU B 36 9.75 25.38 12.40
CA LEU B 36 9.67 26.27 11.22
C LEU B 36 10.69 25.77 10.18
N THR B 37 10.28 25.36 8.98
CA THR B 37 11.30 24.97 7.95
C THR B 37 10.75 25.32 6.57
N GLN B 38 11.28 24.70 5.53
CA GLN B 38 11.08 25.13 4.12
C GLN B 38 11.46 23.97 3.18
N GLY B 39 10.77 23.86 2.05
CA GLY B 39 11.18 23.06 0.88
C GLY B 39 10.78 23.72 -0.41
N GLU B 40 11.46 23.38 -1.50
CA GLU B 40 11.22 23.93 -2.89
C GLU B 40 9.84 23.49 -3.40
N THR B 41 9.43 22.27 -3.08
CA THR B 41 8.18 21.65 -3.56
C THR B 41 7.37 21.20 -2.35
N VAL B 42 6.08 20.95 -2.54
CA VAL B 42 5.20 20.42 -1.46
C VAL B 42 5.82 19.12 -0.94
N ALA B 43 6.16 18.20 -1.84
CA ALA B 43 6.74 16.90 -1.44
C ALA B 43 7.99 17.14 -0.61
N GLU B 44 8.91 17.99 -1.05
CA GLU B 44 10.17 18.19 -0.25
C GLU B 44 9.87 18.96 1.05
N ALA B 45 8.90 19.85 1.06
CA ALA B 45 8.52 20.59 2.28
C ALA B 45 8.04 19.56 3.31
N GLU B 47 8.83 16.46 3.66
CA GLU B 47 9.95 15.67 4.17
C GLU B 47 10.78 16.57 5.09
N ALA B 48 10.89 17.88 4.82
CA ALA B 48 11.56 18.83 5.75
C ALA B 48 10.76 18.90 7.06
N ALA B 49 9.44 18.86 6.94
CA ALA B 49 8.49 18.98 8.08
C ALA B 49 8.77 17.88 9.12
N LYS B 50 9.05 16.66 8.62
CA LYS B 50 9.27 15.47 9.47
C LYS B 50 10.50 15.77 10.34
N ASP B 51 11.61 16.18 9.71
CA ASP B 51 12.88 16.48 10.42
C ASP B 51 12.67 17.59 11.45
N ALA B 52 11.89 18.62 11.12
CA ALA B 52 11.66 19.75 12.05
C ALA B 52 10.85 19.25 13.25
N LEU B 53 9.85 18.38 13.04
CA LEU B 53 9.01 17.92 14.14
C LEU B 53 9.89 17.07 15.06
N LEU B 54 10.71 16.18 14.51
CA LEU B 54 11.59 15.29 15.32
C LEU B 54 12.64 16.11 16.07
N THR B 55 13.18 17.16 15.43
CA THR B 55 14.16 18.08 16.08
C THR B 55 13.45 18.86 17.20
N ALA B 56 12.23 19.36 16.99
CA ALA B 56 11.47 20.08 18.04
C ALA B 56 11.19 19.15 19.25
N PHE B 57 10.90 17.85 18.99
CA PHE B 57 10.72 16.85 20.06
C PHE B 57 12.02 16.73 20.88
N ASP B 58 13.16 16.59 20.21
CA ASP B 58 14.47 16.44 20.89
C ASP B 58 14.60 17.55 21.95
N PHE B 59 14.18 18.78 21.63
CA PHE B 59 14.29 19.95 22.54
C PHE B 59 13.33 19.77 23.72
N TYR B 60 12.09 19.33 23.50
CA TYR B 60 11.16 19.14 24.61
C TYR B 60 11.70 18.10 25.61
N PHE B 61 12.37 17.03 25.13
CA PHE B 61 12.95 15.92 25.95
C PHE B 61 14.15 16.43 26.74
N GLU B 62 15.05 17.14 26.05
CA GLU B 62 16.22 17.84 26.65
C GLU B 62 15.76 18.90 27.65
N ASP B 63 14.72 19.67 27.36
CA ASP B 63 14.33 20.78 28.27
C ASP B 63 13.39 20.25 29.37
N ASN B 64 13.01 18.98 29.37
CA ASN B 64 11.97 18.49 30.30
C ASN B 64 10.74 19.39 30.22
N GLU B 65 10.15 19.55 29.03
CA GLU B 65 8.90 20.33 28.84
C GLU B 65 7.84 19.42 28.25
N LEU B 66 6.56 19.67 28.53
CA LEU B 66 5.43 18.95 27.93
C LEU B 66 5.42 19.10 26.39
N ILE B 67 5.19 17.99 25.69
CA ILE B 67 5.01 18.01 24.22
C ILE B 67 3.52 18.17 23.93
N PRO B 68 3.11 19.27 23.26
CA PRO B 68 1.70 19.48 22.94
C PRO B 68 1.23 18.31 22.05
N LEU B 69 0.00 17.88 22.26
CA LEU B 69 -0.58 16.79 21.43
C LEU B 69 -1.10 17.35 20.11
N PRO B 70 -1.26 16.50 19.07
CA PRO B 70 -1.80 16.97 17.80
C PRO B 70 -3.23 17.49 17.96
N SER B 71 -3.56 18.59 17.29
CA SER B 71 -4.96 18.98 16.97
C SER B 71 -5.58 17.94 16.02
N PRO B 72 -6.89 17.65 16.20
CA PRO B 72 -7.61 16.73 15.30
C PRO B 72 -7.48 17.12 13.81
N LEU B 73 -7.29 16.16 12.89
CA LEU B 73 -7.11 16.46 11.43
C LEU B 73 -8.45 16.77 10.77
N ASN B 74 -8.40 17.54 9.69
CA ASN B 74 -9.45 17.62 8.65
C ASN B 74 -9.01 16.67 7.53
N SER B 75 -9.97 16.23 6.70
CA SER B 75 -9.83 15.36 5.49
C SER B 75 -8.58 15.69 4.67
N HIS B 76 -8.38 16.98 4.33
CA HIS B 76 -7.39 17.51 3.33
C HIS B 76 -6.07 17.88 3.99
N ASP B 77 -6.01 17.93 5.32
CA ASP B 77 -4.79 18.36 6.06
C ASP B 77 -3.58 17.59 5.53
N HIS B 78 -2.47 18.29 5.38
CA HIS B 78 -1.12 17.70 5.44
C HIS B 78 -0.85 17.30 6.90
N PHE B 79 -0.20 16.17 7.10
CA PHE B 79 0.20 15.70 8.44
C PHE B 79 1.54 14.96 8.38
N ILE B 80 2.23 14.98 9.50
CA ILE B 80 3.38 14.10 9.80
C ILE B 80 2.88 13.09 10.84
N GLU B 81 3.03 11.84 10.46
CA GLU B 81 2.73 10.68 11.33
C GLU B 81 3.99 10.34 12.13
N VAL B 82 3.84 10.28 13.44
CA VAL B 82 4.92 9.83 14.38
C VAL B 82 4.86 8.31 14.46
N PRO B 83 6.00 7.61 14.26
CA PRO B 83 6.01 6.16 14.42
C PRO B 83 5.88 5.80 15.92
N LEU B 84 5.44 4.58 16.22
CA LEU B 84 5.15 4.10 17.58
C LEU B 84 6.39 4.21 18.46
N SER B 85 7.61 3.97 17.97
CA SER B 85 8.82 4.17 18.81
C SER B 85 8.81 5.57 19.47
N VAL B 86 8.62 6.60 18.67
CA VAL B 86 8.64 7.98 19.17
C VAL B 86 7.35 8.22 19.95
N ALA B 87 6.18 7.81 19.45
CA ALA B 87 4.91 8.15 20.09
C ALA B 87 4.91 7.65 21.54
N SER B 88 5.35 6.39 21.75
CA SER B 88 5.46 5.75 23.09
C SER B 88 6.20 6.67 24.06
N LYS B 89 7.38 7.18 23.64
CA LYS B 89 8.19 8.07 24.49
C LYS B 89 7.48 9.41 24.72
N VAL B 90 6.78 9.93 23.71
CA VAL B 90 6.11 11.25 23.82
C VAL B 90 5.02 11.13 24.91
N LEU B 91 4.23 10.05 24.84
CA LEU B 91 3.20 9.75 25.85
C LEU B 91 3.88 9.60 27.23
N LEU B 92 5.04 8.92 27.27
CA LEU B 92 5.72 8.63 28.54
C LEU B 92 6.23 9.97 29.11
N LEU B 93 6.90 10.79 28.31
CA LEU B 93 7.45 12.08 28.79
C LEU B 93 6.34 12.93 29.44
N ASN B 94 5.24 13.07 28.75
CA ASN B 94 4.12 13.88 29.28
C ASN B 94 3.64 13.27 30.60
N ALA B 95 3.50 11.94 30.67
CA ALA B 95 2.98 11.25 31.88
C ALA B 95 3.99 11.43 33.00
N PHE B 96 5.29 11.31 32.67
CA PHE B 96 6.41 11.51 33.62
C PHE B 96 6.38 12.96 34.19
N LEU B 97 6.28 13.97 33.34
CA LEU B 97 6.32 15.41 33.78
C LEU B 97 5.07 15.73 34.62
N GLN B 98 3.89 15.23 34.24
CA GLN B 98 2.64 15.37 35.04
C GLN B 98 2.85 14.72 36.41
N SER B 99 3.59 13.61 36.52
CA SER B 99 3.71 12.85 37.79
C SER B 99 4.52 13.66 38.82
N GLU B 100 5.41 14.52 38.33
CA GLU B 100 6.38 15.30 39.15
C GLU B 100 7.32 14.39 39.96
N ILE B 101 7.49 13.12 39.67
CA ILE B 101 8.57 12.31 40.33
C ILE B 101 9.92 12.58 39.65
N THR B 102 10.99 12.32 40.37
CA THR B 102 12.37 12.38 39.83
C THR B 102 12.62 11.14 38.98
N GLN B 103 13.62 11.21 38.14
CA GLN B 103 14.12 10.03 37.38
C GLN B 103 14.61 8.95 38.37
N GLN B 104 15.38 9.34 39.39
CA GLN B 104 15.78 8.41 40.49
C GLN B 104 14.56 7.67 41.03
N GLU B 105 13.50 8.37 41.44
CA GLU B 105 12.26 7.70 41.96
C GLU B 105 11.66 6.75 40.92
N LEU B 106 11.63 7.12 39.63
CA LEU B 106 11.02 6.29 38.56
C LEU B 106 11.88 5.03 38.46
N ALA B 107 13.20 5.19 38.43
CA ALA B 107 14.13 4.03 38.39
C ALA B 107 13.84 3.07 39.55
N ARG B 108 13.68 3.63 40.77
CA ARG B 108 13.45 2.84 42.02
C ARG B 108 12.16 2.05 41.82
N ARG B 109 11.10 2.67 41.28
CA ARG B 109 9.79 1.97 41.16
C ARG B 109 9.87 0.83 40.14
N ILE B 110 10.59 1.05 39.05
CA ILE B 110 10.68 0.06 37.94
C ILE B 110 11.63 -1.03 38.44
N GLY B 111 12.59 -0.64 39.26
CA GLY B 111 13.55 -1.58 39.83
C GLY B 111 14.72 -1.74 38.89
N LYS B 112 15.12 -0.65 38.25
CA LYS B 112 16.27 -0.72 37.33
C LYS B 112 17.28 0.32 37.76
N PRO B 113 18.56 0.16 37.41
CA PRO B 113 19.55 1.20 37.64
C PRO B 113 19.05 2.49 36.99
N LYS B 114 19.44 3.63 37.55
CA LYS B 114 19.11 4.99 37.05
C LYS B 114 19.54 5.17 35.59
N GLN B 115 20.70 4.64 35.21
CA GLN B 115 21.21 4.79 33.82
C GLN B 115 20.15 4.29 32.83
N GLU B 116 19.50 3.17 33.12
CA GLU B 116 18.51 2.48 32.24
C GLU B 116 17.25 3.31 32.03
N ILE B 117 16.96 4.26 32.93
CA ILE B 117 15.74 5.14 32.84
C ILE B 117 16.04 6.28 31.86
N THR B 118 17.28 6.76 31.78
CA THR B 118 17.73 7.85 30.90
C THR B 118 17.31 7.60 29.44
N ARG B 119 17.49 6.38 28.93
CA ARG B 119 17.14 6.01 27.53
C ARG B 119 15.67 6.35 27.27
N LEU B 120 14.81 6.21 28.28
CA LEU B 120 13.34 6.43 28.14
C LEU B 120 13.07 7.85 27.61
N PHE B 121 13.93 8.82 27.91
CA PHE B 121 13.65 10.25 27.65
C PHE B 121 14.60 10.77 26.56
N ASN B 122 15.12 9.88 25.72
CA ASN B 122 16.02 10.16 24.57
C ASN B 122 15.48 9.39 23.34
N LEU B 123 15.00 10.13 22.36
CA LEU B 123 14.44 9.59 21.09
C LEU B 123 15.48 8.82 20.29
N HIS B 124 16.78 9.03 20.49
CA HIS B 124 17.82 8.38 19.67
C HIS B 124 18.44 7.16 20.39
N HIS B 125 17.99 6.77 21.58
CA HIS B 125 18.47 5.49 22.16
C HIS B 125 17.37 4.49 21.88
N ALA B 126 17.73 3.34 21.35
CA ALA B 126 16.75 2.26 21.13
C ALA B 126 16.29 1.74 22.50
N THR B 127 14.99 1.58 22.63
CA THR B 127 14.34 1.16 23.87
C THR B 127 13.23 0.20 23.43
N LYS B 128 13.12 -0.92 24.12
CA LYS B 128 12.01 -1.89 23.97
C LYS B 128 10.70 -1.21 24.43
N ILE B 129 9.67 -1.36 23.60
CA ILE B 129 8.30 -0.94 23.98
C ILE B 129 7.96 -1.58 25.35
N ASP B 130 8.38 -2.79 25.67
CA ASP B 130 8.10 -3.40 27.00
C ASP B 130 8.70 -2.58 28.17
N ALA B 131 9.86 -1.97 28.01
CA ALA B 131 10.50 -1.10 29.03
C ALA B 131 9.74 0.23 29.16
N VAL B 132 9.25 0.78 28.04
CA VAL B 132 8.34 1.95 28.09
C VAL B 132 7.07 1.59 28.87
N GLN B 133 6.47 0.42 28.61
CA GLN B 133 5.28 -0.08 29.34
C GLN B 133 5.58 -0.19 30.85
N LEU B 134 6.76 -0.72 31.24
CA LEU B 134 7.09 -0.85 32.69
C LEU B 134 7.14 0.54 33.32
N ALA B 135 7.73 1.51 32.65
CA ALA B 135 7.81 2.91 33.10
C ALA B 135 6.39 3.48 33.24
N ALA B 136 5.54 3.37 32.21
CA ALA B 136 4.15 3.86 32.29
C ALA B 136 3.46 3.27 33.53
N LYS B 137 3.60 1.95 33.77
CA LYS B 137 2.98 1.29 34.96
C LYS B 137 3.54 1.88 36.26
N ALA B 138 4.84 2.18 36.37
CA ALA B 138 5.45 2.84 37.56
C ALA B 138 4.76 4.19 37.84
N LEU B 139 4.16 4.84 36.83
CA LEU B 139 3.53 6.17 36.97
C LEU B 139 2.01 6.00 37.14
N GLY B 140 1.51 4.76 37.27
CA GLY B 140 0.07 4.45 37.46
C GLY B 140 -0.72 4.51 36.15
N LYS B 141 -0.03 4.45 35.02
CA LYS B 141 -0.63 4.54 33.67
C LYS B 141 -0.56 3.18 33.01
N GLU B 142 -1.46 2.95 32.06
CA GLU B 142 -1.57 1.73 31.23
C GLU B 142 -1.40 2.17 29.77
N LEU B 143 -0.39 1.60 29.11
CA LEU B 143 -0.11 1.77 27.66
C LEU B 143 -0.74 0.58 26.93
N SER B 144 -1.60 0.77 25.93
CA SER B 144 -2.19 -0.35 25.14
C SER B 144 -2.13 -0.04 23.63
N LEU B 145 -2.28 -1.09 22.82
CA LEU B 145 -2.24 -1.07 21.34
C LEU B 145 -3.63 -1.30 20.79
N VAL B 146 -3.94 -0.62 19.71
CA VAL B 146 -5.23 -0.76 18.97
C VAL B 146 -4.90 -0.98 17.47
N VAL B 148 -6.59 -0.99 13.72
CA VAL B 148 -7.80 -0.62 12.89
C VAL B 148 -7.48 -0.76 11.39
N VAL C 8 -15.54 8.24 -20.27
CA VAL C 8 -14.12 8.03 -20.67
C VAL C 8 -14.01 8.10 -22.21
N GLU C 9 -12.92 8.66 -22.75
CA GLU C 9 -12.55 8.53 -24.20
C GLU C 9 -11.04 8.76 -24.41
N ILE C 10 -10.56 8.45 -25.62
CA ILE C 10 -9.15 8.64 -26.06
C ILE C 10 -8.69 10.04 -25.61
N ARG C 12 -7.42 13.06 -26.62
CA ARG C 12 -7.36 13.84 -27.88
C ARG C 12 -7.40 15.31 -27.57
N TYR C 13 -6.28 15.99 -27.79
CA TYR C 13 -6.17 17.44 -27.54
C TYR C 13 -6.72 18.15 -28.78
N PRO C 14 -7.82 18.92 -28.62
CA PRO C 14 -8.34 19.76 -29.68
C PRO C 14 -7.30 20.80 -30.11
N VAL C 15 -7.16 20.97 -31.42
CA VAL C 15 -6.24 21.99 -31.99
C VAL C 15 -6.97 22.79 -33.05
N THR C 16 -6.54 24.04 -33.26
CA THR C 16 -6.93 24.80 -34.47
C THR C 16 -5.73 24.91 -35.43
N LEU C 17 -6.06 24.93 -36.71
CA LEU C 17 -5.09 25.08 -37.80
C LEU C 17 -5.44 26.37 -38.54
N THR C 18 -4.49 27.26 -38.61
CA THR C 18 -4.65 28.59 -39.24
C THR C 18 -3.42 28.91 -40.10
N PRO C 19 -3.56 29.79 -41.08
CA PRO C 19 -2.41 30.27 -41.81
C PRO C 19 -1.52 31.01 -40.81
N ALA C 20 -0.23 30.77 -40.83
CA ALA C 20 0.68 31.45 -39.87
C ALA C 20 1.03 32.82 -40.46
N PRO C 21 0.91 33.94 -39.70
CA PRO C 21 1.42 35.23 -40.18
C PRO C 21 2.84 34.98 -40.72
N GLU C 22 3.14 35.48 -41.92
CA GLU C 22 4.49 35.38 -42.52
C GLU C 22 4.78 33.97 -43.06
N GLY C 23 3.80 33.05 -43.06
CA GLY C 23 3.82 31.88 -43.96
C GLY C 23 3.74 30.55 -43.23
N GLY C 24 3.36 29.50 -43.97
CA GLY C 24 3.07 28.18 -43.41
C GLY C 24 1.86 28.22 -42.49
N TYR C 25 1.76 27.24 -41.59
CA TYR C 25 0.50 26.93 -40.87
C TYR C 25 0.84 26.75 -39.40
N VAL C 27 -0.53 25.38 -35.61
CA VAL C 27 -1.33 24.44 -34.79
C VAL C 27 -1.33 24.97 -33.36
N SER C 28 -2.50 25.38 -32.88
CA SER C 28 -2.70 25.93 -31.51
C SER C 28 -3.53 24.94 -30.67
N PHE C 29 -3.13 24.77 -29.41
CA PHE C 29 -3.86 24.00 -28.38
C PHE C 29 -4.44 24.99 -27.37
N VAL C 30 -5.74 25.06 -27.20
CA VAL C 30 -6.35 25.89 -26.11
C VAL C 30 -5.85 25.41 -24.73
N ASP C 31 -5.66 24.09 -24.57
CA ASP C 31 -5.31 23.55 -23.25
C ASP C 31 -3.80 23.70 -22.98
N ILE C 32 -2.96 23.84 -24.00
CA ILE C 32 -1.47 23.70 -23.86
C ILE C 32 -0.75 24.84 -24.60
N PRO C 33 -0.64 26.03 -23.97
CA PRO C 33 -0.02 27.19 -24.62
C PRO C 33 1.38 26.86 -25.17
N GLU C 34 2.20 26.10 -24.47
CA GLU C 34 3.60 25.88 -24.86
C GLU C 34 3.73 24.93 -26.06
N ALA C 35 2.63 24.36 -26.59
CA ALA C 35 2.68 23.34 -27.65
C ALA C 35 2.46 24.00 -29.01
N LEU C 36 2.33 25.31 -29.02
CA LEU C 36 2.03 26.10 -30.25
C LEU C 36 3.09 25.75 -31.29
N THR C 37 2.68 25.40 -32.50
CA THR C 37 3.60 24.83 -33.51
C THR C 37 3.33 25.50 -34.89
N GLN C 38 4.39 25.85 -35.57
CA GLN C 38 4.33 26.27 -37.00
C GLN C 38 4.98 25.17 -37.83
N GLY C 39 4.40 24.88 -39.01
CA GLY C 39 5.05 24.10 -40.06
C GLY C 39 4.88 24.75 -41.42
N GLU C 40 5.81 24.46 -42.35
CA GLU C 40 5.84 24.95 -43.75
C GLU C 40 4.57 24.47 -44.48
N THR C 41 4.10 23.27 -44.19
CA THR C 41 2.87 22.68 -44.76
C THR C 41 1.93 22.25 -43.64
N VAL C 42 0.68 22.01 -44.02
CA VAL C 42 -0.37 21.57 -43.07
C VAL C 42 0.06 20.24 -42.46
N ALA C 43 0.54 19.29 -43.28
CA ALA C 43 0.97 17.96 -42.81
C ALA C 43 2.13 18.13 -41.84
N GLU C 44 3.09 19.00 -42.15
CA GLU C 44 4.31 19.06 -41.30
C GLU C 44 3.97 19.78 -40.00
N ALA C 45 3.03 20.75 -40.02
CA ALA C 45 2.66 21.46 -38.80
C ALA C 45 1.96 20.46 -37.88
N GLU C 47 2.18 17.07 -37.83
CA GLU C 47 3.23 16.11 -37.42
C GLU C 47 4.11 16.73 -36.31
N ALA C 48 4.58 17.97 -36.46
CA ALA C 48 5.52 18.59 -35.48
C ALA C 48 4.78 18.87 -34.16
N ALA C 49 3.44 19.02 -34.18
CA ALA C 49 2.66 19.33 -32.96
C ALA C 49 2.69 18.15 -31.99
N LYS C 50 2.91 16.93 -32.48
CA LYS C 50 2.93 15.72 -31.61
C LYS C 50 4.10 15.85 -30.64
N ASP C 51 5.31 16.08 -31.17
CA ASP C 51 6.55 16.27 -30.36
C ASP C 51 6.42 17.54 -29.49
N ALA C 52 5.88 18.64 -30.02
CA ALA C 52 5.66 19.88 -29.24
C ALA C 52 4.81 19.55 -28.00
N LEU C 53 3.76 18.75 -28.18
CA LEU C 53 2.81 18.45 -27.11
C LEU C 53 3.51 17.61 -26.02
N LEU C 54 4.34 16.64 -26.42
CA LEU C 54 5.15 15.80 -25.49
C LEU C 54 6.17 16.66 -24.73
N THR C 55 6.85 17.59 -25.42
CA THR C 55 7.77 18.57 -24.78
C THR C 55 7.00 19.46 -23.79
N ALA C 56 5.78 19.85 -24.16
CA ALA C 56 4.93 20.70 -23.28
C ALA C 56 4.65 19.96 -21.97
N PHE C 57 4.26 18.67 -22.03
CA PHE C 57 4.05 17.75 -20.88
C PHE C 57 5.29 17.76 -19.96
N ASP C 58 6.47 17.55 -20.49
CA ASP C 58 7.71 17.58 -19.66
C ASP C 58 7.82 18.93 -18.91
N PHE C 59 7.51 20.05 -19.58
CA PHE C 59 7.59 21.41 -19.00
C PHE C 59 6.71 21.51 -17.73
N TYR C 60 5.44 21.07 -17.79
CA TYR C 60 4.52 21.06 -16.63
C TYR C 60 5.13 20.21 -15.49
N PHE C 61 5.57 19.00 -15.81
CA PHE C 61 6.16 18.07 -14.82
C PHE C 61 7.43 18.68 -14.20
N GLU C 62 8.40 19.18 -14.97
CA GLU C 62 9.62 19.86 -14.43
C GLU C 62 9.23 21.06 -13.56
N ASP C 63 8.11 21.74 -13.83
CA ASP C 63 7.67 22.92 -13.04
C ASP C 63 6.80 22.51 -11.84
N ASN C 64 6.67 21.21 -11.55
CA ASN C 64 5.78 20.63 -10.49
C ASN C 64 4.39 21.26 -10.62
N GLU C 65 3.83 21.20 -11.83
CA GLU C 65 2.41 21.61 -12.09
C GLU C 65 1.72 20.45 -12.79
N LEU C 66 0.38 20.34 -12.69
CA LEU C 66 -0.41 19.28 -13.32
C LEU C 66 -0.40 19.51 -14.85
N ILE C 67 -0.29 18.44 -15.60
CA ILE C 67 -0.53 18.48 -17.08
C ILE C 67 -2.03 18.66 -17.31
N PRO C 68 -2.44 19.78 -17.94
CA PRO C 68 -3.83 19.99 -18.30
C PRO C 68 -4.38 18.86 -19.18
N LEU C 69 -5.58 18.41 -18.85
CA LEU C 69 -6.28 17.39 -19.66
C LEU C 69 -6.99 18.06 -20.84
N PRO C 70 -7.32 17.31 -21.90
CA PRO C 70 -8.00 17.92 -23.06
C PRO C 70 -9.35 18.48 -22.63
N SER C 71 -9.70 19.65 -23.19
CA SER C 71 -11.08 20.17 -23.33
C SER C 71 -11.85 19.12 -24.10
N PRO C 72 -13.14 18.92 -23.81
CA PRO C 72 -13.98 18.01 -24.61
C PRO C 72 -13.94 18.44 -26.08
N LEU C 73 -13.88 17.47 -27.00
CA LEU C 73 -13.95 17.71 -28.47
C LEU C 73 -15.38 18.03 -28.92
N ASN C 74 -15.49 18.96 -29.87
CA ASN C 74 -16.66 19.11 -30.78
C ASN C 74 -16.45 18.17 -31.97
N SER C 75 -17.56 17.80 -32.60
CA SER C 75 -17.67 16.88 -33.77
C SER C 75 -16.72 17.37 -34.88
N HIS C 76 -16.61 18.69 -35.02
CA HIS C 76 -15.86 19.34 -36.13
C HIS C 76 -14.41 19.59 -35.77
N ASP C 77 -14.00 19.43 -34.51
CA ASP C 77 -12.65 19.88 -34.04
C ASP C 77 -11.53 19.04 -34.63
N HIS C 78 -10.39 19.66 -34.96
CA HIS C 78 -9.14 18.91 -35.20
C HIS C 78 -8.59 18.55 -33.82
N PHE C 79 -7.72 17.56 -33.79
CA PHE C 79 -7.13 17.08 -32.52
C PHE C 79 -5.81 16.39 -32.80
N ILE C 80 -4.96 16.37 -31.79
CA ILE C 80 -3.70 15.59 -31.72
C ILE C 80 -3.94 14.49 -30.68
N GLU C 81 -3.77 13.23 -31.10
CA GLU C 81 -4.10 12.04 -30.27
C GLU C 81 -2.88 11.61 -29.50
N VAL C 82 -3.05 11.32 -28.21
CA VAL C 82 -1.92 10.80 -27.39
C VAL C 82 -2.07 9.29 -27.35
N PRO C 83 -1.02 8.52 -27.73
CA PRO C 83 -1.09 7.06 -27.66
C PRO C 83 -1.15 6.61 -26.18
N LEU C 84 -1.70 5.42 -25.92
CA LEU C 84 -1.92 4.88 -24.55
C LEU C 84 -0.61 4.92 -23.77
N SER C 85 0.51 4.56 -24.38
CA SER C 85 1.81 4.54 -23.66
C SER C 85 1.99 5.88 -22.96
N VAL C 86 1.81 6.99 -23.69
CA VAL C 86 2.07 8.37 -23.15
C VAL C 86 0.91 8.75 -22.25
N ALA C 87 -0.34 8.44 -22.60
CA ALA C 87 -1.53 8.84 -21.81
C ALA C 87 -1.40 8.24 -20.40
N SER C 88 -0.94 6.97 -20.30
CA SER C 88 -0.76 6.25 -19.00
C SER C 88 0.27 7.04 -18.14
N LYS C 89 1.35 7.58 -18.72
CA LYS C 89 2.36 8.32 -17.91
C LYS C 89 1.80 9.70 -17.54
N VAL C 90 1.12 10.41 -18.46
CA VAL C 90 0.48 11.69 -18.10
C VAL C 90 -0.37 11.49 -16.84
N LEU C 91 -1.24 10.47 -16.82
CA LEU C 91 -2.13 10.23 -15.66
C LEU C 91 -1.31 9.90 -14.36
N LEU C 92 -0.24 9.12 -14.47
CA LEU C 92 0.67 8.81 -13.32
C LEU C 92 1.39 10.08 -12.86
N LEU C 93 1.88 10.93 -13.78
CA LEU C 93 2.65 12.14 -13.37
C LEU C 93 1.68 13.06 -12.61
N ASN C 94 0.44 13.22 -13.06
CA ASN C 94 -0.55 14.03 -12.33
C ASN C 94 -0.82 13.36 -10.96
N ALA C 95 -1.04 12.03 -10.90
CA ALA C 95 -1.31 11.34 -9.61
C ALA C 95 -0.11 11.49 -8.68
N PHE C 96 1.10 11.43 -9.21
CA PHE C 96 2.33 11.64 -8.41
C PHE C 96 2.35 13.05 -7.81
N LEU C 97 2.14 14.09 -8.60
CA LEU C 97 2.08 15.45 -8.04
C LEU C 97 1.02 15.51 -6.93
N GLN C 98 -0.18 14.96 -7.12
CA GLN C 98 -1.28 15.13 -6.14
C GLN C 98 -0.96 14.34 -4.85
N SER C 99 -0.14 13.29 -4.93
CA SER C 99 0.17 12.40 -3.78
C SER C 99 0.99 13.17 -2.73
N GLU C 100 1.79 14.12 -3.17
CA GLU C 100 2.71 14.92 -2.31
C GLU C 100 3.82 14.05 -1.73
N ILE C 101 4.17 12.92 -2.32
CA ILE C 101 5.33 12.13 -1.86
C ILE C 101 6.49 12.41 -2.80
N THR C 102 7.69 12.07 -2.34
CA THR C 102 8.92 12.26 -3.13
C THR C 102 9.06 11.05 -4.08
N GLN C 103 9.91 11.22 -5.09
CA GLN C 103 10.37 10.12 -5.97
C GLN C 103 10.98 9.03 -5.07
N GLN C 104 11.80 9.42 -4.09
CA GLN C 104 12.50 8.45 -3.22
C GLN C 104 11.45 7.65 -2.44
N GLU C 105 10.38 8.28 -1.98
CA GLU C 105 9.29 7.55 -1.28
C GLU C 105 8.55 6.60 -2.26
N LEU C 106 8.26 7.01 -3.49
CA LEU C 106 7.59 6.07 -4.42
C LEU C 106 8.54 4.90 -4.66
N ALA C 107 9.83 5.18 -4.88
CA ALA C 107 10.89 4.18 -5.11
C ALA C 107 10.87 3.12 -3.99
N ARG C 108 10.66 3.57 -2.75
CA ARG C 108 10.57 2.72 -1.53
C ARG C 108 9.24 1.96 -1.51
N ARG C 109 8.14 2.51 -2.03
CA ARG C 109 6.81 1.83 -1.96
C ARG C 109 6.68 0.70 -2.99
N ILE C 110 7.32 0.82 -4.15
CA ILE C 110 7.28 -0.23 -5.20
C ILE C 110 8.48 -1.18 -4.98
N GLY C 111 9.56 -0.65 -4.41
CA GLY C 111 10.69 -1.44 -3.90
C GLY C 111 11.81 -1.45 -4.91
N LYS C 112 11.96 -0.39 -5.70
CA LYS C 112 12.96 -0.34 -6.78
C LYS C 112 13.88 0.84 -6.47
N PRO C 113 15.08 0.97 -7.07
CA PRO C 113 15.93 2.14 -6.90
C PRO C 113 15.39 3.46 -7.49
N LYS C 114 16.14 4.53 -7.25
CA LYS C 114 15.67 5.91 -7.53
CA LYS C 114 15.89 5.96 -7.57
C LYS C 114 15.59 6.13 -9.05
N GLN C 115 16.55 5.65 -9.83
CA GLN C 115 16.64 5.78 -11.30
C GLN C 115 15.39 5.18 -11.94
N GLU C 116 14.83 4.11 -11.33
CA GLU C 116 13.63 3.41 -11.85
C GLU C 116 12.47 4.40 -11.91
N ILE C 117 12.35 5.28 -10.91
CA ILE C 117 11.30 6.33 -10.89
C ILE C 117 11.61 7.36 -11.97
N THR C 118 12.87 7.76 -12.13
CA THR C 118 13.32 8.73 -13.18
C THR C 118 12.88 8.24 -14.58
N ARG C 119 13.15 6.97 -14.85
CA ARG C 119 12.80 6.30 -16.12
C ARG C 119 11.27 6.20 -16.27
N LEU C 120 10.57 5.80 -15.22
CA LEU C 120 9.10 5.69 -15.21
C LEU C 120 8.47 7.04 -15.59
N PHE C 121 9.08 8.13 -15.15
CA PHE C 121 8.46 9.48 -15.19
C PHE C 121 8.87 10.18 -16.49
N ASN C 122 9.76 9.54 -17.24
CA ASN C 122 10.33 10.04 -18.49
C ASN C 122 9.37 9.66 -19.63
N LEU C 123 8.69 10.64 -20.20
CA LEU C 123 7.73 10.48 -21.30
C LEU C 123 8.46 9.97 -22.55
N HIS C 124 9.80 10.03 -22.61
CA HIS C 124 10.61 9.56 -23.77
C HIS C 124 11.17 8.15 -23.50
N HIS C 125 10.83 7.58 -22.35
CA HIS C 125 11.24 6.25 -21.91
C HIS C 125 10.05 5.28 -22.02
N ALA C 126 10.22 4.19 -22.76
CA ALA C 126 9.21 3.14 -22.95
C ALA C 126 9.19 2.31 -21.67
N THR C 127 8.02 2.27 -21.05
CA THR C 127 7.73 1.56 -19.80
C THR C 127 6.53 0.64 -20.04
N LYS C 128 6.59 -0.59 -19.56
CA LYS C 128 5.49 -1.58 -19.63
C LYS C 128 4.27 -1.07 -18.87
N ILE C 129 3.08 -1.16 -19.46
CA ILE C 129 1.82 -0.66 -18.83
C ILE C 129 1.66 -1.28 -17.43
N ASP C 130 2.12 -2.51 -17.24
CA ASP C 130 1.97 -3.18 -15.91
C ASP C 130 2.79 -2.45 -14.83
N ALA C 131 3.98 -1.92 -15.17
CA ALA C 131 4.82 -1.15 -14.21
C ALA C 131 4.17 0.21 -13.93
N VAL C 132 3.62 0.88 -14.95
CA VAL C 132 2.80 2.10 -14.70
C VAL C 132 1.66 1.72 -13.71
N GLN C 133 1.00 0.58 -13.91
CA GLN C 133 -0.14 0.15 -13.06
C GLN C 133 0.33 -0.01 -11.61
N LEU C 134 1.42 -0.75 -11.37
CA LEU C 134 2.06 -0.96 -10.05
C LEU C 134 2.37 0.40 -9.40
N ALA C 135 2.91 1.35 -10.17
CA ALA C 135 3.27 2.70 -9.66
C ALA C 135 1.98 3.42 -9.23
N ALA C 136 0.94 3.35 -10.06
CA ALA C 136 -0.36 3.98 -9.73
C ALA C 136 -0.90 3.40 -8.41
N LYS C 137 -0.80 2.08 -8.20
CA LYS C 137 -1.31 1.43 -6.99
C LYS C 137 -0.57 1.94 -5.74
N ALA C 138 0.76 2.06 -5.79
CA ALA C 138 1.61 2.63 -4.72
C ALA C 138 1.10 4.01 -4.28
N LEU C 139 0.48 4.78 -5.16
CA LEU C 139 -0.10 6.12 -4.87
C LEU C 139 -1.56 5.99 -4.47
N GLY C 140 -2.12 4.79 -4.42
CA GLY C 140 -3.53 4.61 -4.03
C GLY C 140 -4.48 4.93 -5.15
N LYS C 141 -4.06 4.77 -6.40
CA LYS C 141 -4.92 4.94 -7.60
C LYS C 141 -5.05 3.60 -8.34
N GLU C 142 -6.19 3.37 -9.00
CA GLU C 142 -6.41 2.22 -9.93
C GLU C 142 -6.54 2.73 -11.37
N LEU C 143 -5.71 2.22 -12.29
CA LEU C 143 -5.74 2.38 -13.77
C LEU C 143 -6.58 1.26 -14.37
N SER C 144 -7.69 1.53 -15.06
CA SER C 144 -8.43 0.46 -15.79
C SER C 144 -8.42 0.75 -17.31
N LEU C 145 -8.56 -0.30 -18.15
CA LEU C 145 -8.72 -0.21 -19.62
C LEU C 145 -10.21 -0.33 -19.93
N VAL C 146 -10.66 0.45 -20.89
CA VAL C 146 -12.07 0.48 -21.38
C VAL C 146 -12.03 0.33 -22.91
N VAL C 148 -14.52 0.29 -26.49
CA VAL C 148 -15.81 0.73 -27.10
C VAL C 148 -15.65 0.95 -28.62
N ILE D 10 -12.50 -2.20 -14.07
CA ILE D 10 -11.35 -2.91 -13.40
C ILE D 10 -11.64 -4.42 -13.31
N ARG D 12 -11.87 -7.95 -12.44
CA ARG D 12 -11.70 -8.77 -11.22
C ARG D 12 -12.64 -9.99 -11.32
N TYR D 13 -12.09 -11.19 -11.41
CA TYR D 13 -12.90 -12.46 -11.52
C TYR D 13 -13.19 -12.95 -10.11
N PRO D 14 -14.49 -13.09 -9.73
CA PRO D 14 -14.88 -13.67 -8.46
C PRO D 14 -14.45 -15.16 -8.39
N VAL D 15 -13.79 -15.54 -7.28
CA VAL D 15 -13.28 -16.88 -6.91
C VAL D 15 -14.19 -17.48 -5.84
N THR D 16 -14.63 -18.73 -6.03
CA THR D 16 -15.26 -19.61 -5.01
C THR D 16 -14.16 -20.46 -4.34
N LEU D 17 -14.14 -20.44 -3.03
CA LEU D 17 -13.32 -21.34 -2.19
C LEU D 17 -14.27 -22.34 -1.51
N THR D 18 -14.00 -23.65 -1.64
CA THR D 18 -14.76 -24.76 -1.00
C THR D 18 -13.80 -25.61 -0.17
N PRO D 19 -14.03 -25.68 1.15
CA PRO D 19 -13.20 -26.54 2.00
C PRO D 19 -13.09 -27.96 1.40
N ALA D 20 -11.84 -28.43 1.24
CA ALA D 20 -11.53 -29.70 0.58
C ALA D 20 -11.52 -30.78 1.65
N PRO D 21 -12.12 -31.96 1.40
CA PRO D 21 -12.22 -33.00 2.42
C PRO D 21 -10.88 -33.36 3.08
N GLU D 22 -9.81 -33.42 2.30
CA GLU D 22 -8.47 -33.83 2.80
C GLU D 22 -7.71 -32.65 3.43
N GLY D 23 -8.34 -31.47 3.47
CA GLY D 23 -7.71 -30.24 4.00
C GLY D 23 -7.44 -29.25 2.88
N GLY D 24 -7.51 -27.97 3.23
CA GLY D 24 -7.30 -26.87 2.28
C GLY D 24 -8.57 -26.56 1.51
N TYR D 25 -8.42 -25.86 0.39
CA TYR D 25 -9.57 -25.24 -0.30
C TYR D 25 -9.47 -25.55 -1.78
N VAL D 27 -10.57 -24.38 -5.44
CA VAL D 27 -10.77 -23.07 -6.11
C VAL D 27 -11.56 -23.27 -7.39
N SER D 28 -12.62 -22.50 -7.57
CA SER D 28 -13.41 -22.52 -8.81
C SER D 28 -13.85 -21.10 -9.15
N PHE D 29 -14.13 -20.88 -10.42
CA PHE D 29 -14.57 -19.57 -10.97
C PHE D 29 -15.97 -19.72 -11.60
N VAL D 30 -17.00 -19.10 -11.04
CA VAL D 30 -18.35 -19.13 -11.64
C VAL D 30 -18.26 -18.71 -13.12
N ASP D 31 -17.30 -17.87 -13.53
CA ASP D 31 -17.27 -17.35 -14.93
C ASP D 31 -16.39 -18.22 -15.87
N ILE D 32 -15.50 -19.01 -15.30
CA ILE D 32 -14.42 -19.66 -16.08
C ILE D 32 -14.53 -21.15 -15.77
N PRO D 33 -15.34 -21.91 -16.52
CA PRO D 33 -15.73 -23.26 -16.07
C PRO D 33 -14.56 -24.24 -15.92
N GLU D 34 -13.47 -24.07 -16.69
CA GLU D 34 -12.33 -25.03 -16.74
C GLU D 34 -11.31 -24.71 -15.63
N ALA D 35 -11.34 -23.53 -15.06
CA ALA D 35 -10.39 -23.09 -14.01
C ALA D 35 -10.78 -23.80 -12.71
N LEU D 36 -9.93 -24.72 -12.27
CA LEU D 36 -10.20 -25.54 -11.08
C LEU D 36 -8.86 -25.87 -10.44
N THR D 37 -8.65 -25.51 -9.16
CA THR D 37 -7.35 -25.79 -8.52
C THR D 37 -7.61 -25.88 -7.01
N GLN D 38 -6.59 -25.64 -6.20
CA GLN D 38 -6.54 -26.06 -4.79
C GLN D 38 -5.36 -25.36 -4.12
N GLY D 39 -5.52 -25.03 -2.83
CA GLY D 39 -4.43 -24.59 -1.95
C GLY D 39 -4.66 -25.03 -0.51
N GLU D 40 -3.58 -25.21 0.25
CA GLU D 40 -3.64 -25.77 1.63
C GLU D 40 -4.25 -24.72 2.55
N THR D 41 -4.06 -23.44 2.21
CA THR D 41 -4.57 -22.30 2.99
C THR D 41 -5.35 -21.38 2.08
N VAL D 42 -6.18 -20.51 2.65
CA VAL D 42 -6.92 -19.48 1.87
C VAL D 42 -5.89 -18.68 1.05
N ALA D 43 -4.82 -18.19 1.67
CA ALA D 43 -3.81 -17.36 0.98
C ALA D 43 -3.17 -18.14 -0.16
N GLU D 44 -2.83 -19.42 0.07
CA GLU D 44 -2.15 -20.24 -0.97
C GLU D 44 -3.10 -20.61 -2.11
N ALA D 45 -4.38 -20.80 -1.78
CA ALA D 45 -5.44 -21.10 -2.76
C ALA D 45 -5.67 -19.88 -3.66
N GLU D 47 -3.39 -17.57 -4.53
CA GLU D 47 -2.22 -17.54 -5.46
C GLU D 47 -2.34 -18.64 -6.51
N ALA D 48 -2.72 -19.86 -6.11
CA ALA D 48 -3.06 -20.97 -7.05
C ALA D 48 -4.16 -20.48 -8.03
N ALA D 49 -5.10 -19.67 -7.57
CA ALA D 49 -6.28 -19.26 -8.37
C ALA D 49 -5.86 -18.36 -9.55
N LYS D 50 -4.83 -17.53 -9.34
CA LYS D 50 -4.33 -16.58 -10.34
C LYS D 50 -3.68 -17.42 -11.44
N ASP D 51 -2.84 -18.40 -11.12
CA ASP D 51 -2.31 -19.36 -12.14
C ASP D 51 -3.43 -20.15 -12.84
N ALA D 52 -4.45 -20.66 -12.13
CA ALA D 52 -5.58 -21.37 -12.83
C ALA D 52 -6.25 -20.41 -13.83
N LEU D 53 -6.54 -19.18 -13.41
CA LEU D 53 -7.20 -18.19 -14.30
C LEU D 53 -6.36 -17.99 -15.56
N LEU D 54 -5.06 -17.78 -15.43
CA LEU D 54 -4.20 -17.41 -16.59
C LEU D 54 -4.04 -18.64 -17.47
N THR D 55 -4.05 -19.83 -16.88
CA THR D 55 -3.93 -21.07 -17.66
C THR D 55 -5.22 -21.24 -18.45
N ALA D 56 -6.38 -21.04 -17.83
CA ALA D 56 -7.65 -21.14 -18.57
C ALA D 56 -7.67 -20.10 -19.72
N PHE D 57 -7.20 -18.87 -19.46
CA PHE D 57 -7.15 -17.81 -20.51
C PHE D 57 -6.32 -18.39 -21.68
N ASP D 58 -5.13 -18.94 -21.42
CA ASP D 58 -4.22 -19.49 -22.46
C ASP D 58 -5.01 -20.41 -23.37
N PHE D 59 -5.98 -21.16 -22.84
CA PHE D 59 -6.73 -22.14 -23.65
C PHE D 59 -7.64 -21.37 -24.59
N TYR D 60 -8.30 -20.31 -24.11
CA TYR D 60 -9.23 -19.49 -24.95
C TYR D 60 -8.45 -18.86 -26.11
N PHE D 61 -7.22 -18.40 -25.87
CA PHE D 61 -6.33 -17.76 -26.90
C PHE D 61 -5.91 -18.84 -27.92
N GLU D 62 -5.46 -19.99 -27.46
CA GLU D 62 -5.07 -21.13 -28.32
C GLU D 62 -6.29 -21.57 -29.14
N ASP D 63 -7.50 -21.70 -28.58
CA ASP D 63 -8.67 -22.26 -29.32
C ASP D 63 -9.50 -21.16 -30.02
N ASN D 64 -8.98 -19.94 -30.11
CA ASN D 64 -9.72 -18.70 -30.47
C ASN D 64 -11.20 -18.79 -30.08
N GLU D 65 -11.51 -18.75 -28.77
CA GLU D 65 -12.91 -18.69 -28.28
C GLU D 65 -13.07 -17.54 -27.31
N LEU D 66 -14.30 -17.05 -27.20
CA LEU D 66 -14.66 -15.86 -26.40
C LEU D 66 -14.31 -16.14 -24.93
N ILE D 67 -13.65 -15.21 -24.27
CA ILE D 67 -13.38 -15.30 -22.82
C ILE D 67 -14.56 -14.65 -22.11
N PRO D 68 -15.31 -15.39 -21.26
CA PRO D 68 -16.46 -14.84 -20.55
C PRO D 68 -15.96 -13.71 -19.64
N LEU D 69 -16.71 -12.63 -19.57
CA LEU D 69 -16.36 -11.46 -18.73
C LEU D 69 -16.68 -11.77 -17.27
N PRO D 70 -16.02 -11.11 -16.30
CA PRO D 70 -16.30 -11.37 -14.89
C PRO D 70 -17.73 -11.01 -14.49
N SER D 71 -18.32 -11.78 -13.58
CA SER D 71 -19.55 -11.40 -12.84
C SER D 71 -19.25 -10.22 -11.91
N PRO D 72 -20.25 -9.35 -11.66
CA PRO D 72 -20.09 -8.23 -10.73
C PRO D 72 -19.69 -8.78 -9.35
N LEU D 73 -18.76 -8.14 -8.66
CA LEU D 73 -18.35 -8.53 -7.28
C LEU D 73 -19.42 -8.09 -6.27
N ASN D 74 -19.55 -8.85 -5.21
CA ASN D 74 -20.30 -8.51 -3.98
C ASN D 74 -19.27 -8.19 -2.91
N SER D 75 -19.71 -7.58 -1.82
CA SER D 75 -18.84 -7.14 -0.70
C SER D 75 -17.94 -8.28 -0.22
N HIS D 76 -18.47 -9.50 -0.13
CA HIS D 76 -17.81 -10.66 0.52
C HIS D 76 -16.96 -11.50 -0.47
N ASP D 77 -16.92 -11.17 -1.77
CA ASP D 77 -16.22 -12.00 -2.78
C ASP D 77 -14.70 -11.92 -2.63
N HIS D 78 -14.07 -13.08 -2.68
CA HIS D 78 -12.67 -13.22 -3.17
C HIS D 78 -12.68 -12.98 -4.67
N PHE D 79 -11.59 -12.39 -5.19
CA PHE D 79 -11.45 -12.08 -6.63
C PHE D 79 -9.96 -12.18 -7.00
N ILE D 80 -9.73 -12.46 -8.27
CA ILE D 80 -8.41 -12.31 -8.94
C ILE D 80 -8.53 -11.12 -9.91
N GLU D 81 -7.60 -10.20 -9.70
CA GLU D 81 -7.42 -9.02 -10.56
C GLU D 81 -6.51 -9.40 -11.72
N VAL D 82 -6.94 -9.11 -12.93
CA VAL D 82 -6.16 -9.32 -14.18
C VAL D 82 -5.31 -8.08 -14.43
N PRO D 83 -3.97 -8.17 -14.57
CA PRO D 83 -3.20 -6.94 -14.83
C PRO D 83 -3.53 -6.41 -16.24
N LEU D 84 -3.17 -5.17 -16.55
CA LEU D 84 -3.57 -4.50 -17.82
C LEU D 84 -3.00 -5.22 -19.04
N SER D 85 -1.76 -5.71 -18.98
CA SER D 85 -1.13 -6.46 -20.10
C SER D 85 -2.09 -7.56 -20.58
N VAL D 86 -2.65 -8.31 -19.65
CA VAL D 86 -3.56 -9.42 -19.98
C VAL D 86 -4.95 -8.88 -20.33
N ALA D 87 -5.46 -7.97 -19.53
CA ALA D 87 -6.79 -7.35 -19.72
C ALA D 87 -6.88 -6.84 -21.15
N SER D 88 -5.85 -6.12 -21.60
CA SER D 88 -5.81 -5.48 -22.95
C SER D 88 -6.01 -6.58 -24.01
N LYS D 89 -5.39 -7.75 -23.82
CA LYS D 89 -5.42 -8.84 -24.83
C LYS D 89 -6.74 -9.62 -24.73
N VAL D 90 -7.31 -9.76 -23.54
CA VAL D 90 -8.66 -10.36 -23.39
C VAL D 90 -9.67 -9.50 -24.16
N LEU D 91 -9.57 -8.18 -24.04
CA LEU D 91 -10.52 -7.23 -24.67
C LEU D 91 -10.36 -7.28 -26.21
N LEU D 92 -9.12 -7.32 -26.69
CA LEU D 92 -8.82 -7.52 -28.13
C LEU D 92 -9.38 -8.84 -28.64
N LEU D 93 -9.09 -9.97 -27.97
CA LEU D 93 -9.51 -11.30 -28.44
C LEU D 93 -11.03 -11.31 -28.59
N ASN D 94 -11.78 -10.81 -27.62
CA ASN D 94 -13.27 -10.79 -27.70
C ASN D 94 -13.72 -9.94 -28.89
N ALA D 95 -13.19 -8.74 -29.03
CA ALA D 95 -13.49 -7.82 -30.15
C ALA D 95 -13.11 -8.50 -31.48
N PHE D 96 -11.97 -9.19 -31.57
CA PHE D 96 -11.49 -9.84 -32.82
C PHE D 96 -12.48 -10.95 -33.20
N LEU D 97 -12.90 -11.73 -32.23
CA LEU D 97 -13.81 -12.89 -32.50
C LEU D 97 -15.20 -12.36 -32.90
N GLN D 98 -15.69 -11.30 -32.25
CA GLN D 98 -17.01 -10.74 -32.60
C GLN D 98 -16.96 -10.16 -34.02
N SER D 99 -15.81 -9.62 -34.45
CA SER D 99 -15.66 -8.96 -35.78
C SER D 99 -15.74 -10.03 -36.88
N GLU D 100 -15.36 -11.25 -36.57
CA GLU D 100 -15.33 -12.40 -37.49
C GLU D 100 -14.36 -12.17 -38.64
N ILE D 101 -13.46 -11.21 -38.59
CA ILE D 101 -12.44 -11.11 -39.67
C ILE D 101 -11.36 -12.18 -39.43
N THR D 102 -10.62 -12.53 -40.46
CA THR D 102 -9.50 -13.49 -40.35
C THR D 102 -8.26 -12.80 -39.78
N GLN D 103 -7.36 -13.61 -39.25
CA GLN D 103 -6.04 -13.11 -38.80
C GLN D 103 -5.32 -12.47 -39.99
N GLN D 104 -5.41 -13.07 -41.17
CA GLN D 104 -4.79 -12.53 -42.42
C GLN D 104 -5.33 -11.12 -42.67
N GLU D 105 -6.65 -10.91 -42.52
CA GLU D 105 -7.29 -9.59 -42.78
C GLU D 105 -6.83 -8.56 -41.75
N LEU D 106 -6.77 -8.94 -40.47
CA LEU D 106 -6.25 -8.05 -39.41
C LEU D 106 -4.79 -7.68 -39.73
N ALA D 107 -3.94 -8.66 -40.04
CA ALA D 107 -2.51 -8.46 -40.41
C ALA D 107 -2.44 -7.44 -41.55
N ARG D 108 -3.33 -7.57 -42.55
CA ARG D 108 -3.48 -6.60 -43.68
C ARG D 108 -3.86 -5.20 -43.16
N ARG D 109 -4.84 -5.08 -42.25
CA ARG D 109 -5.38 -3.76 -41.83
C ARG D 109 -4.34 -2.97 -41.02
N ILE D 110 -3.45 -3.66 -40.30
CA ILE D 110 -2.44 -3.03 -39.40
C ILE D 110 -1.14 -2.85 -40.19
N GLY D 111 -0.79 -3.83 -41.05
CA GLY D 111 0.29 -3.74 -42.05
C GLY D 111 1.49 -4.53 -41.60
N LYS D 112 1.29 -5.77 -41.17
CA LYS D 112 2.36 -6.65 -40.65
C LYS D 112 2.13 -8.07 -41.18
N PRO D 113 3.17 -8.93 -41.20
CA PRO D 113 2.98 -10.35 -41.49
C PRO D 113 1.97 -11.05 -40.57
N LYS D 114 1.48 -12.22 -40.99
CA LYS D 114 0.51 -13.04 -40.22
C LYS D 114 1.06 -13.30 -38.80
N GLN D 115 2.26 -13.90 -38.72
CA GLN D 115 2.93 -14.35 -37.48
C GLN D 115 3.19 -13.18 -36.50
N GLU D 116 3.14 -11.93 -36.99
CA GLU D 116 3.25 -10.71 -36.17
C GLU D 116 1.86 -10.27 -35.65
N ILE D 117 0.81 -11.07 -35.90
CA ILE D 117 -0.57 -10.88 -35.37
C ILE D 117 -0.89 -11.99 -34.36
N THR D 118 -0.39 -13.22 -34.61
CA THR D 118 -0.44 -14.40 -33.69
C THR D 118 0.05 -14.02 -32.27
N ARG D 119 0.92 -13.02 -32.17
CA ARG D 119 1.55 -12.60 -30.89
CA ARG D 119 1.56 -12.57 -30.90
C ARG D 119 0.58 -11.73 -30.09
N LEU D 120 -0.28 -11.00 -30.79
CA LEU D 120 -1.37 -10.28 -30.13
C LEU D 120 -2.23 -11.26 -29.34
N PHE D 121 -2.41 -12.49 -29.84
CA PHE D 121 -3.36 -13.49 -29.25
C PHE D 121 -2.58 -14.55 -28.49
N ASN D 122 -1.42 -14.20 -27.92
CA ASN D 122 -0.61 -15.07 -27.00
C ASN D 122 -0.30 -14.30 -25.72
N LEU D 123 -0.76 -14.76 -24.57
CA LEU D 123 -0.43 -14.06 -23.29
C LEU D 123 1.06 -14.18 -22.91
N HIS D 124 1.82 -15.12 -23.49
CA HIS D 124 3.26 -15.34 -23.17
C HIS D 124 4.20 -14.56 -24.10
N HIS D 125 3.67 -13.72 -25.00
CA HIS D 125 4.49 -12.80 -25.81
C HIS D 125 4.31 -11.38 -25.30
N ALA D 126 5.38 -10.67 -24.98
CA ALA D 126 5.28 -9.27 -24.55
C ALA D 126 4.85 -8.45 -25.78
N THR D 127 3.73 -7.75 -25.67
CA THR D 127 3.17 -6.87 -26.71
C THR D 127 3.02 -5.48 -26.10
N LYS D 128 3.58 -4.47 -26.74
CA LYS D 128 3.40 -3.06 -26.29
C LYS D 128 1.90 -2.67 -26.31
N ILE D 129 1.42 -1.92 -25.34
CA ILE D 129 0.00 -1.50 -25.27
C ILE D 129 -0.38 -0.71 -26.55
N ASP D 130 0.55 0.06 -27.14
CA ASP D 130 0.28 0.86 -28.36
C ASP D 130 -0.03 -0.06 -29.54
N ALA D 131 0.55 -1.27 -29.59
CA ALA D 131 0.34 -2.22 -30.70
C ALA D 131 -1.03 -2.84 -30.49
N VAL D 132 -1.43 -3.06 -29.25
CA VAL D 132 -2.80 -3.59 -29.00
C VAL D 132 -3.81 -2.52 -29.42
N GLN D 133 -3.53 -1.26 -29.10
CA GLN D 133 -4.35 -0.09 -29.49
C GLN D 133 -4.50 -0.03 -31.02
N LEU D 134 -3.42 -0.23 -31.80
CA LEU D 134 -3.51 -0.27 -33.29
C LEU D 134 -4.40 -1.40 -33.79
N ALA D 135 -4.24 -2.61 -33.26
CA ALA D 135 -5.12 -3.75 -33.60
C ALA D 135 -6.57 -3.37 -33.33
N ALA D 136 -6.84 -2.87 -32.15
CA ALA D 136 -8.21 -2.51 -31.72
C ALA D 136 -8.76 -1.50 -32.71
N LYS D 137 -7.92 -0.53 -33.17
CA LYS D 137 -8.39 0.46 -34.16
C LYS D 137 -8.75 -0.26 -35.47
N ALA D 138 -7.94 -1.24 -35.92
CA ALA D 138 -8.18 -2.07 -37.12
C ALA D 138 -9.57 -2.72 -37.05
N LEU D 139 -10.12 -2.92 -35.85
CA LEU D 139 -11.44 -3.56 -35.64
C LEU D 139 -12.52 -2.51 -35.41
N GLY D 140 -12.22 -1.23 -35.56
CA GLY D 140 -13.17 -0.13 -35.32
C GLY D 140 -13.48 0.06 -33.84
N LYS D 141 -12.61 -0.46 -32.97
CA LYS D 141 -12.73 -0.26 -31.50
C LYS D 141 -11.68 0.75 -31.02
N GLU D 142 -11.98 1.44 -29.91
CA GLU D 142 -11.13 2.43 -29.21
C GLU D 142 -10.79 1.90 -27.81
N LEU D 143 -9.51 1.73 -27.49
CA LEU D 143 -9.00 1.38 -26.14
C LEU D 143 -8.74 2.67 -25.37
N SER D 144 -9.23 2.76 -24.12
CA SER D 144 -9.15 3.98 -23.27
C SER D 144 -8.73 3.66 -21.81
N LEU D 145 -7.89 4.51 -21.22
CA LEU D 145 -7.37 4.35 -19.85
C LEU D 145 -8.17 5.23 -18.89
N VAL D 146 -8.46 4.74 -17.69
CA VAL D 146 -9.09 5.59 -16.62
C VAL D 146 -8.31 5.42 -15.30
N VAL D 148 -8.85 6.27 -11.25
CA VAL D 148 -9.72 6.72 -10.11
C VAL D 148 -9.00 6.52 -8.77
#